data_1C0O
#
_entry.id   1C0O
#
_cell.length_a   1.000
_cell.length_b   1.000
_cell.length_c   1.000
_cell.angle_alpha   90.00
_cell.angle_beta   90.00
_cell.angle_gamma   90.00
#
_symmetry.space_group_name_H-M   'P 1'
#
loop_
_entity.id
_entity.type
_entity.pdbx_description
1 polymer "RNA (5'-R(*GP*GP*GP*UP*CP*UP*UP*CP*GP*GP*GP*UP*CP*C)-3')"
2 non-polymer 'COBALT HEXAMMINE(III)'
#
_entity_poly.entity_id   1
_entity_poly.type   'polyribonucleotide'
_entity_poly.pdbx_seq_one_letter_code
;GGGUCUUCGGGUCC
;
_entity_poly.pdbx_strand_id   A
#
loop_
_chem_comp.id
_chem_comp.type
_chem_comp.name
_chem_comp.formula
C RNA linking CYTIDINE-5'-MONOPHOSPHATE 'C9 H14 N3 O8 P'
G RNA linking GUANOSINE-5'-MONOPHOSPHATE 'C10 H14 N5 O8 P'
NCO non-polymer 'COBALT HEXAMMINE(III)' 'Co H18 N6 3'
U RNA linking URIDINE-5'-MONOPHOSPHATE 'C9 H13 N2 O9 P'
#
# COMPACT_ATOMS: atom_id res chain seq x y z
CO NCO B . -0.17 0.26 0.01
N1 NCO B . -0.45 1.95 1.03
N2 NCO B . 0.10 -1.43 -1.01
N3 NCO B . -0.54 1.22 -1.69
N4 NCO B . 0.20 -0.70 1.72
N5 NCO B . -2.10 -0.17 0.20
N6 NCO B . 1.76 0.68 -0.17
HN11 NCO B . 0.37 2.54 0.99
HN12 NCO B . -0.65 1.76 1.99
HN13 NCO B . -1.21 2.48 0.66
HN21 NCO B . 0.48 -2.16 -0.41
HN22 NCO B . -0.77 -1.77 -1.39
HN23 NCO B . 0.75 -1.29 -1.77
HN31 NCO B . -0.68 0.57 -2.45
HN32 NCO B . 0.22 1.82 -1.94
HN33 NCO B . -1.38 1.78 -1.62
HN41 NCO B . 0.68 -1.58 1.55
HN42 NCO B . -0.65 -0.92 2.21
HN43 NCO B . 0.78 -0.16 2.33
HN51 NCO B . -2.24 -1.11 0.51
HN52 NCO B . -2.58 -0.06 -0.68
HN53 NCO B . -2.55 0.44 0.86
HN61 NCO B . 1.95 1.19 -1.02
HN62 NCO B . 2.32 -0.16 -0.20
HN63 NCO B . 2.09 1.25 0.60
CO NCO B . -0.02 -0.14 0.85
N1 NCO B . -0.41 1.56 1.80
N2 NCO B . 0.38 -1.84 -0.12
N3 NCO B . -1.96 -0.44 0.57
N4 NCO B . 1.93 0.16 1.11
N5 NCO B . -0.10 -1.13 2.57
N6 NCO B . 0.08 0.85 -0.87
HN11 NCO B . -0.39 2.35 1.18
HN12 NCO B . -1.33 1.53 2.22
HN13 NCO B . 0.26 1.73 2.54
HN21 NCO B . 0.73 -2.54 0.52
HN22 NCO B . -0.46 -2.21 -0.55
HN23 NCO B . 1.07 -1.70 -0.83
HN31 NCO B . -2.29 -1.24 1.09
HN32 NCO B . -2.18 -0.60 -0.41
HN33 NCO B . -2.50 0.36 0.88
HN41 NCO B . 2.45 -0.70 1.05
HN42 NCO B . 2.31 0.79 0.43
HN43 NCO B . 2.12 0.55 2.03
HN51 NCO B . -1.04 -1.45 2.75
HN52 NCO B . 0.49 -1.94 2.55
HN53 NCO B . 0.17 -0.55 3.34
HN61 NCO B . 0.64 0.36 -1.55
HN62 NCO B . -0.85 0.97 -1.28
HN63 NCO B . 0.47 1.77 -0.75
CO NCO B . 0.50 0.49 -1.09
N1 NCO B . 1.34 1.20 0.57
N2 NCO B . -0.36 -0.21 -2.74
N3 NCO B . 0.09 -1.21 -0.16
N4 NCO B . 0.91 2.20 -2.02
N5 NCO B . 2.24 -0.24 -1.68
N6 NCO B . -1.25 1.23 -0.50
HN11 NCO B . 2.34 1.32 0.44
HN12 NCO B . 0.96 2.09 0.83
HN13 NCO B . 1.21 0.57 1.34
HN21 NCO B . -0.08 0.32 -3.56
HN22 NCO B . -0.09 -1.17 -2.91
HN23 NCO B . -1.36 -0.17 -2.69
HN31 NCO B . -0.03 -1.07 0.83
HN32 NCO B . -0.76 -1.63 -0.50
HN33 NCO B . 0.84 -1.89 -0.28
HN41 NCO B . 0.47 2.23 -2.94
HN42 NCO B . 0.57 3.00 -1.50
HN43 NCO B . 1.89 2.32 -2.15
HN51 NCO B . 2.46 0.02 -2.63
HN52 NCO B . 3.00 0.09 -1.10
HN53 NCO B . 2.26 -1.25 -1.63
HN61 NCO B . -1.99 0.55 -0.60
HN62 NCO B . -1.23 1.52 0.46
HN63 NCO B . -1.52 2.04 -1.05
CO NCO B . -0.08 0.27 -0.09
N1 NCO B . -2.04 -0.01 0.13
N2 NCO B . 1.87 0.55 -0.29
N3 NCO B . -0.41 1.22 -1.80
N4 NCO B . 0.24 -0.68 1.64
N5 NCO B . 0.06 -1.46 -1.06
N6 NCO B . -0.23 2.00 0.90
HN11 NCO B . -2.55 0.39 -0.64
HN12 NCO B . -2.27 -0.99 0.17
HN13 NCO B . -2.38 0.42 0.98
HN21 NCO B . 2.11 0.77 -1.25
HN22 NCO B . 2.20 1.32 0.28
HN23 NCO B . 2.39 -0.27 -0.03
HN31 NCO B . 0.41 1.72 -2.10
HN32 NCO B . -1.15 1.89 -1.71
HN33 NCO B . -0.66 0.58 -2.53
HN41 NCO B . -0.63 -0.87 2.12
HN42 NCO B . 0.70 -1.56 1.48
HN43 NCO B . 0.83 -0.13 2.25
HN51 NCO B . 0.72 -2.07 -0.62
HN52 NCO B . -0.83 -1.93 -1.10
HN53 NCO B . 0.36 -1.31 -2.02
HN61 NCO B . -0.87 2.62 0.45
HN62 NCO B . 0.66 2.46 0.95
HN63 NCO B . -0.55 1.85 1.85
CO NCO B . 0.00 0.25 0.03
N1 NCO B . -0.68 1.84 1.00
N2 NCO B . 0.70 -1.34 -0.93
N3 NCO B . 1.75 1.17 -0.23
N4 NCO B . -1.73 -0.67 0.32
N5 NCO B . -0.66 1.00 -1.68
N6 NCO B . 0.68 -0.50 1.76
HN11 NCO B . -0.57 1.75 2.00
HN12 NCO B . -0.20 2.68 0.72
HN13 NCO B . -1.67 1.99 0.83
HN21 NCO B . 1.06 -2.03 -0.29
HN22 NCO B . -0.03 -1.80 -1.47
HN23 NCO B . 1.44 -1.10 -1.57
HN31 NCO B . 1.62 2.16 -0.41
HN32 NCO B . 2.34 1.07 0.57
HN33 NCO B . 2.25 0.78 -1.02
HN41 NCO B . -2.51 -0.07 0.08
HN42 NCO B . -1.85 -0.95 1.27
HN43 NCO B . -1.80 -1.50 -0.26
HN51 NCO B . -0.24 0.53 -2.47
HN52 NCO B . -1.67 0.90 -1.76
HN53 NCO B . -0.45 1.98 -1.76
HN61 NCO B . 0.95 0.23 2.39
HN62 NCO B . -0.04 -1.06 2.22
HN63 NCO B . 1.48 -1.09 1.61
CO NCO B . 0.13 0.30 -0.80
N1 NCO B . -1.78 0.56 -0.32
N2 NCO B . 2.04 0.05 -1.29
N3 NCO B . -0.21 1.14 -2.57
N4 NCO B . 0.47 -0.54 0.96
N5 NCO B . 0.57 2.08 -0.04
N6 NCO B . -0.31 -1.49 -1.57
HN11 NCO B . -1.98 1.52 -0.11
HN12 NCO B . -2.40 0.28 -1.07
HN13 NCO B . -2.03 0.00 0.49
HN21 NCO B . 2.22 0.34 -2.24
HN22 NCO B . 2.32 -0.92 -1.21
HN23 NCO B . 2.65 0.58 -0.69
HN31 NCO B . 0.60 1.09 -3.17
HN32 NCO B . -0.97 0.68 -3.06
HN33 NCO B . -0.46 2.11 -2.48
HN41 NCO B . -0.31 -0.42 1.58
HN42 NCO B . 0.62 -1.53 0.87
HN43 NCO B . 1.28 -0.14 1.41
HN51 NCO B . -0.13 2.37 0.63
HN52 NCO B . 0.61 2.79 -0.76
HN53 NCO B . 1.45 2.07 0.43
HN61 NCO B . -1.06 -1.93 -1.07
HN62 NCO B . -0.58 -1.41 -2.54
HN63 NCO B . 0.49 -2.10 -1.53
CO NCO B . 1.28 -0.31 -0.68
N1 NCO B . 2.29 -1.32 -2.06
N2 NCO B . 0.27 0.70 0.69
N3 NCO B . -0.02 -1.81 -0.55
N4 NCO B . 2.59 1.18 -0.82
N5 NCO B . 0.17 0.53 -2.11
N6 NCO B . 2.39 -1.15 0.74
HN11 NCO B . 2.31 -2.31 -1.86
HN12 NCO B . 3.25 -1.02 -2.11
HN13 NCO B . 1.89 -1.21 -2.98
HN21 NCO B . 0.36 0.28 1.60
HN22 NCO B . 0.59 1.65 0.77
HN23 NCO B . -0.71 0.74 0.47
HN31 NCO B . -0.73 -1.61 0.14
HN32 NCO B . -0.50 -1.96 -1.43
HN33 NCO B . 0.43 -2.67 -0.29
HN41 NCO B . 3.50 0.90 -0.50
HN42 NCO B . 2.68 1.50 -1.78
HN43 NCO B . 2.29 1.98 -0.27
HN51 NCO B . 0.74 1.08 -2.73
HN52 NCO B . -0.28 -0.17 -2.67
HN53 NCO B . -0.53 1.12 -1.72
HN61 NCO B . 2.18 -0.75 1.65
HN62 NCO B . 2.22 -2.13 0.79
HN63 NCO B . 3.37 -1.01 0.57
CO NCO B . -0.11 0.21 -0.06
N1 NCO B . -1.86 -0.61 0.40
N2 NCO B . 1.64 1.03 -0.51
N3 NCO B . 0.31 -1.34 -1.22
N4 NCO B . -0.53 1.76 1.10
N5 NCO B . 0.73 -0.71 1.49
N6 NCO B . -0.95 1.13 -1.60
HN11 NCO B . -1.90 -0.86 1.38
HN12 NCO B . -2.63 0.02 0.21
HN13 NCO B . -2.02 -1.45 -0.14
HN21 NCO B . 2.37 0.73 0.11
HN22 NCO B . 1.93 0.79 -1.45
HN23 NCO B . 1.60 2.03 -0.47
HN31 NCO B . 1.18 -1.20 -1.73
HN32 NCO B . 0.42 -2.20 -0.68
HN33 NCO B . -0.41 -1.51 -1.90
HN41 NCO B . -1.35 2.26 0.77
HN42 NCO B . -0.73 1.47 2.05
HN43 NCO B . 0.23 2.42 1.14
HN51 NCO B . 1.60 -0.29 1.74
HN52 NCO B . 0.13 -0.69 2.30
HN53 NCO B . 0.92 -1.69 1.28
HN61 NCO B . -0.35 1.13 -2.41
HN62 NCO B . -1.82 0.70 -1.87
HN63 NCO B . -1.15 2.11 -1.39
CO NCO B . -1.12 -0.41 0.56
N1 NCO B . -0.81 -1.77 -0.84
N2 NCO B . -1.42 0.96 1.97
N3 NCO B . -2.43 0.52 -0.61
N4 NCO B . 0.20 -1.32 1.73
N5 NCO B . 0.34 0.71 -0.21
N6 NCO B . -2.58 -1.52 1.32
HN11 NCO B . -0.06 -1.51 -1.46
HN12 NCO B . -0.59 -2.67 -0.45
HN13 NCO B . -1.64 -1.90 -1.42
HN21 NCO B . -1.06 1.86 1.68
HN22 NCO B . -2.40 1.07 2.17
HN23 NCO B . -0.95 0.72 2.83
HN31 NCO B . -2.77 -0.10 -1.34
HN32 NCO B . -3.22 0.84 -0.09
HN33 NCO B . -2.02 1.32 -1.07
HN41 NCO B . -0.02 -1.19 2.71
HN42 NCO B . 0.22 -2.31 1.56
HN43 NCO B . 1.14 -0.97 1.59
HN51 NCO B . 0.99 0.15 -0.74
HN52 NCO B . -0.02 1.42 -0.83
HN53 NCO B . 0.87 1.17 0.52
HN61 NCO B . -2.61 -2.43 0.89
HN62 NCO B . -2.45 -1.66 2.32
HN63 NCO B . -3.48 -1.08 1.19
CO NCO B . -1.13 -0.19 0.00
N1 NCO B . -0.91 -1.50 1.48
N2 NCO B . -1.35 1.12 -1.48
N3 NCO B . -0.87 1.30 1.28
N4 NCO B . -1.40 -1.69 -1.28
N5 NCO B . -3.09 -0.13 0.34
N6 NCO B . 0.83 -0.25 -0.34
HN11 NCO B . 0.04 -1.81 1.56
HN12 NCO B . -1.17 -1.09 2.37
HN13 NCO B . -1.50 -2.31 1.34
HN21 NCO B . -0.59 1.79 -1.49
HN22 NCO B . -1.36 0.66 -2.38
HN23 NCO B . -2.22 1.63 -1.39
HN31 NCO B . 0.12 1.50 1.42
HN32 NCO B . -1.30 2.16 0.96
HN33 NCO B . -1.26 1.10 2.18
HN41 NCO B . -1.44 -2.58 -0.80
HN42 NCO B . -2.26 -1.58 -1.80
HN43 NCO B . -0.65 -1.73 -1.95
HN51 NCO B . -3.52 -1.02 0.16
HN52 NCO B . -3.29 0.11 1.30
HN53 NCO B . -3.55 0.56 -0.24
HN61 NCO B . 1.30 0.54 0.08
HN62 NCO B . 1.24 -1.09 0.04
HN63 NCO B . 1.03 -0.24 -1.33
CO NCO B . 0.08 0.09 0.18
N1 NCO B . -1.58 -0.96 0.50
N2 NCO B . 1.75 1.13 -0.14
N3 NCO B . 0.83 -1.43 -0.87
N4 NCO B . -0.66 1.60 1.23
N5 NCO B . 0.88 -0.67 1.84
N6 NCO B . -0.71 0.84 -1.48
HN11 NCO B . -2.12 -1.05 -0.35
HN12 NCO B . -1.37 -1.88 0.83
HN13 NCO B . -2.17 -0.51 1.18
HN21 NCO B . 1.98 1.16 -1.12
HN22 NCO B . 1.64 2.09 0.17
HN23 NCO B . 2.53 0.73 0.35
HN31 NCO B . 0.19 -2.20 -0.91
HN32 NCO B . 1.69 -1.76 -0.47
HN33 NCO B . 1.03 -1.15 -1.83
HN41 NCO B . -1.18 1.27 2.03
HN42 NCO B . 0.06 2.22 1.56
HN43 NCO B . -1.31 2.15 0.67
HN51 NCO B . 0.55 -0.19 2.66
HN52 NCO B . 0.64 -1.65 1.94
HN53 NCO B . 1.89 -0.60 1.83
HN61 NCO B . -1.37 1.59 -1.27
HN62 NCO B . 0.00 1.23 -2.09
HN63 NCO B . -1.20 0.14 -2.01
CO NCO B . -0.05 -1.46 1.80
N1 NCO B . -1.39 -2.64 2.66
N2 NCO B . 1.30 -0.27 0.95
N3 NCO B . -0.15 -2.53 0.14
N4 NCO B . 0.07 -0.38 3.47
N5 NCO B . 1.41 -2.63 2.47
N6 NCO B . -1.50 -0.29 1.14
HN11 NCO B . -1.40 -3.55 2.24
HN12 NCO B . -1.21 -2.75 3.64
HN13 NCO B . -2.33 -2.26 2.57
HN21 NCO B . 1.94 -0.80 0.37
HN22 NCO B . 0.86 0.42 0.36
HN23 NCO B . 1.85 0.23 1.64
HN31 NCO B . -0.54 -2.00 -0.63
HN32 NCO B . 0.76 -2.85 -0.16
HN33 NCO B . -0.74 -3.35 0.26
HN41 NCO B . -0.53 0.44 3.42
HN42 NCO B . -0.22 -0.92 4.27
HN43 NCO B . 1.00 -0.05 3.64
HN51 NCO B . 1.32 -2.79 3.46
HN52 NCO B . 1.39 -3.53 2.01
HN53 NCO B . 2.32 -2.22 2.30
HN61 NCO B . -1.90 0.27 1.88
HN62 NCO B . -1.17 0.37 0.43
HN63 NCO B . -2.25 -0.82 0.73
CO NCO B . 0.07 0.47 0.38
N1 NCO B . -0.38 2.16 1.34
N2 NCO B . 0.50 -1.22 -0.57
N3 NCO B . -0.30 1.36 -1.35
N4 NCO B . 0.42 -0.42 2.12
N5 NCO B . 1.97 1.02 0.28
N6 NCO B . -1.84 -0.09 0.50
HN11 NCO B . -0.68 1.97 2.29
HN12 NCO B . -1.12 2.66 0.88
HN13 NCO B . 0.42 2.77 1.40
HN21 NCO B . -0.29 -1.56 -1.09
HN22 NCO B . 1.25 -1.08 -1.23
HN23 NCO B . 0.79 -1.94 0.07
HN31 NCO B . 0.24 2.22 -1.45
HN32 NCO B . -0.07 0.76 -2.13
HN33 NCO B . -1.27 1.60 -1.44
HN41 NCO B . 0.75 -1.38 1.99
HN42 NCO B . 1.14 0.07 2.65
HN43 NCO B . -0.40 -0.47 2.70
HN51 NCO B . 2.48 0.47 -0.39
HN52 NCO B . 2.05 1.99 -0.01
HN53 NCO B . 2.44 0.93 1.16
HN61 NCO B . -2.13 -0.59 -0.33
HN62 NCO B . -2.00 -0.70 1.29
HN63 NCO B . -2.45 0.71 0.60
CO NCO B . 0.04 0.22 0.23
N1 NCO B . -0.74 0.90 -1.46
N2 NCO B . 0.83 -0.45 1.92
N3 NCO B . -1.63 -0.79 0.61
N4 NCO B . 1.71 1.24 -0.14
N5 NCO B . -0.69 1.80 1.20
N6 NCO B . 0.78 -1.35 -0.74
HN11 NCO B . -1.26 1.76 -1.31
HN12 NCO B . -0.03 1.09 -2.15
HN13 NCO B . -1.39 0.24 -1.86
HN21 NCO B . 0.13 -0.60 2.63
HN22 NCO B . 1.30 -1.34 1.78
HN23 NCO B . 1.51 0.19 2.30
HN31 NCO B . -1.79 -1.50 -0.09
HN32 NCO B . -2.43 -0.18 0.61
HN33 NCO B . -1.58 -1.25 1.51
HN41 NCO B . 1.85 1.37 -1.14
HN42 NCO B . 1.70 2.15 0.28
HN43 NCO B . 2.53 0.75 0.21
HN51 NCO B . -1.32 2.32 0.62
HN52 NCO B . -1.19 1.51 2.03
HN53 NCO B . 0.05 2.42 1.51
HN61 NCO B . 1.43 -1.07 -1.46
HN62 NCO B . 1.26 -1.98 -0.12
HN63 NCO B . 0.04 -1.87 -1.20
CO NCO B . 0.46 -0.02 -1.11
N1 NCO B . -1.43 0.18 -0.54
N2 NCO B . 2.35 -0.21 -1.68
N3 NCO B . 0.00 0.73 -2.90
N4 NCO B . 0.92 -0.76 0.68
N5 NCO B . 0.07 -1.85 -1.78
N6 NCO B . 0.85 1.81 -0.45
HN11 NCO B . -1.66 -0.45 0.21
HN12 NCO B . -1.62 1.12 -0.22
HN13 NCO B . -2.07 -0.01 -1.30
HN21 NCO B . 2.97 0.34 -1.11
HN22 NCO B . 2.66 -1.17 -1.60
HN23 NCO B . 2.49 0.08 -2.64
HN31 NCO B . -0.40 0.02 -3.49
HN32 NCO B . -0.66 1.48 -2.83
HN33 NCO B . 0.82 1.09 -3.37
HN41 NCO B . 1.83 -1.18 0.68
HN42 NCO B . 0.90 -0.04 1.38
HN43 NCO B . 0.26 -1.47 0.96
HN51 NCO B . -0.21 -1.84 -2.74
HN52 NCO B . -0.67 -2.28 -1.25
HN53 NCO B . 0.88 -2.45 -1.69
HN61 NCO B . 0.65 2.51 -1.16
HN62 NCO B . 0.30 2.04 0.37
HN63 NCO B . 1.82 1.92 -0.19
CO NCO B . 0.07 -0.96 0.92
N1 NCO B . -1.48 0.18 0.42
N2 NCO B . 1.62 -2.10 1.42
N3 NCO B . -1.17 -2.30 1.72
N4 NCO B . 1.30 0.37 0.12
N5 NCO B . 0.19 -0.04 2.67
N6 NCO B . -0.05 -1.90 -0.83
HN11 NCO B . -2.09 -0.29 -0.24
HN12 NCO B . -2.04 0.41 1.23
HN13 NCO B . -1.18 1.04 0.00
HN21 NCO B . 1.70 -2.20 2.42
HN22 NCO B . 1.53 -3.04 1.02
HN23 NCO B . 2.48 -1.71 1.08
HN31 NCO B . -2.11 -1.95 1.75
HN32 NCO B . -1.18 -3.16 1.17
HN33 NCO B . -0.90 -2.54 2.66
HN41 NCO B . 1.90 -0.05 -0.57
HN42 NCO B . 0.80 1.12 -0.33
HN43 NCO B . 1.89 0.79 0.82
HN51 NCO B . 1.12 0.32 2.83
HN52 NCO B . -0.45 0.74 2.73
HN53 NCO B . -0.03 -0.66 3.44
HN61 NCO B . -0.46 -1.29 -1.54
HN62 NCO B . 0.85 -2.18 -1.16
HN63 NCO B . -0.63 -2.72 -0.77
CO NCO B . 0.05 0.64 -0.82
N1 NCO B . 0.09 -0.32 -2.57
N2 NCO B . 0.02 1.58 0.92
N3 NCO B . -0.70 -0.98 0.04
N4 NCO B . 0.82 2.26 -1.69
N5 NCO B . -1.78 1.29 -1.21
N6 NCO B . 1.89 -0.03 -0.43
HN11 NCO B . -0.84 -0.46 -2.93
HN12 NCO B . 0.61 0.20 -3.25
HN13 NCO B . 0.52 -1.23 -2.48
HN21 NCO B . 0.69 1.19 1.57
HN22 NCO B . 0.25 2.56 0.82
HN23 NCO B . -0.89 1.53 1.36
HN31 NCO B . -0.20 -1.82 -0.22
HN32 NCO B . -0.67 -0.91 1.06
HN33 NCO B . -1.67 -1.12 -0.21
HN41 NCO B . 0.11 2.77 -2.20
HN42 NCO B . 1.22 2.88 -1.00
HN43 NCO B . 1.55 2.01 -2.34
HN51 NCO B . -1.78 2.27 -1.43
HN52 NCO B . -2.18 0.79 -2.00
HN53 NCO B . -2.40 1.15 -0.42
HN61 NCO B . 2.19 0.25 0.50
HN62 NCO B . 1.94 -1.03 -0.48
HN63 NCO B . 2.57 0.35 -1.08
CO NCO B . -0.06 0.10 0.33
N1 NCO B . 0.75 -1.45 -0.59
N2 NCO B . -0.87 1.66 1.27
N3 NCO B . 0.58 -0.62 2.08
N4 NCO B . -0.69 0.81 -1.41
N5 NCO B . -1.76 -0.90 0.53
N6 NCO B . 1.64 1.10 0.13
HN11 NCO B . 1.30 -2.02 0.04
HN12 NCO B . 0.04 -2.05 -1.00
HN13 NCO B . 1.36 -1.17 -1.34
HN21 NCO B . -1.45 1.37 2.05
HN22 NCO B . -0.16 2.28 1.64
HN23 NCO B . -1.45 2.20 0.65
HN31 NCO B . 1.01 -1.52 1.98
HN32 NCO B . 1.24 0.00 2.51
HN33 NCO B . -0.19 -0.73 2.73
HN41 NCO B . -1.23 0.13 -1.91
HN42 NCO B . -1.27 1.63 -1.28
HN43 NCO B . 0.09 1.08 -1.99
HN51 NCO B . -2.54 -0.39 0.16
HN52 NCO B . -1.72 -1.79 0.06
HN53 NCO B . -1.97 -1.09 1.51
HN61 NCO B . 2.22 1.03 0.96
HN62 NCO B . 2.18 0.76 -0.65
HN63 NCO B . 1.48 2.09 -0.02
CO NCO B . 0.05 0.18 -0.66
N1 NCO B . -0.32 1.34 -2.23
N2 NCO B . 0.41 -0.97 0.91
N3 NCO B . 1.99 0.34 -1.00
N4 NCO B . -1.91 0.04 -0.31
N5 NCO B . -0.03 -1.42 -1.83
N6 NCO B . 0.13 1.79 0.51
HN11 NCO B . -1.21 1.83 -2.13
HN12 NCO B . 0.39 2.05 -2.34
HN13 NCO B . -0.35 0.81 -3.09
HN21 NCO B . 0.54 -1.93 0.64
HN22 NCO B . -0.34 -0.94 1.58
HN23 NCO B . 1.25 -0.68 1.40
HN31 NCO B . 2.50 -0.46 -0.64
HN32 NCO B . 2.39 1.16 -0.57
HN33 NCO B . 2.19 0.39 -1.99
HN41 NCO B . -2.42 -0.14 -1.17
HN42 NCO B . -2.11 -0.73 0.32
HN43 NCO B . -2.27 0.88 0.10
HN51 NCO B . 0.75 -1.45 -2.47
HN52 NCO B . -0.89 -1.44 -2.37
HN53 NCO B . -0.01 -2.27 -1.28
HN61 NCO B . 0.89 1.73 1.17
HN62 NCO B . 0.27 2.63 -0.04
HN63 NCO B . -0.73 1.91 1.03
#